data_3UQP
#
_entry.id   3UQP
#
_cell.length_a   104.390
_cell.length_b   128.060
_cell.length_c   76.170
_cell.angle_alpha   90.00
_cell.angle_beta   90.00
_cell.angle_gamma   90.00
#
_symmetry.space_group_name_H-M   'C 2 2 21'
#
loop_
_entity.id
_entity.type
_entity.pdbx_description
1 polymer 'Beta-secretase 1'
2 polymer 'METHYL (2R)-1-[(6S,9S,12S,13S,17S,20S,23R)-9-(3-AMINO-3-OXOPROPYL)-12,23-DIBENZYL-13-HYDROXY-2,2,8,20,22-PENTAMETHYL-17-(2-METHYLPROPYL)-4,7,10,15,18,21,24-HEPTAOXO-6-(PROPAN-2-YL)-3-OXA-5,8,11,16,19,22-HEXAAZATETRACOSAN-24-YL]PYRROLIDINE-2-CARBOXYLATE'
3 non-polymer 'SULFATE ION'
4 water water
#
loop_
_entity_poly.entity_id
_entity_poly.type
_entity_poly.pdbx_seq_one_letter_code
_entity_poly.pdbx_strand_id
1 'polypeptide(L)'
;MGSSHHHHHHSAGENLYFQGTLPRETDEEPEEPGRRGSFVEMVDNLRGKSGQGYYVEMTVGSPPQTLNILVDTGSSNFAV
GAAPHPFLHRYYQRQLSSTYRDLRKGVYVPYTQGAWAGELGTDLVSIPHGPNVTVRANIAAITESDKFFINGSNWEGILG
LAYAEIARPDDSLEPFFDSLVKQTHVPNLFSLQLCGAGFPLNQSEVLASVGGSMIIGGIDHSLYTGSLWYTPIRREWYYE
VIIVRVEINGQDLKMDCKEYNYDKSIVDSGTTNLRLPKKVFEAAVKSIKAASSTEKFPDGFWLGEQLVCWQAGTTPWNIF
PVISLYLMGEVTNQSFRITILPQQYLRPVEDVATSQDDCYKFAISQSSTGTVMGAVIMEGFYVVFDRARKRIGFAVSACH
VHDEFRTAAVEGPFVTLDMEDCGYNIPQTDEST
;
A
2 'polypeptide(L)' (BOC)V(GNC)(PSA)LA(ZAE)(PDW) B
#
loop_
_chem_comp.id
_chem_comp.type
_chem_comp.name
_chem_comp.formula
BOC non-polymer 'TERT-BUTYL HYDROGEN CARBONATE' 'C5 H10 O3'
PSA peptide-like '3-HYDROXY-4-AMINO-5-PHENYLPENTANOIC ACID' 'C11 H15 N O3'
SO4 non-polymer 'SULFATE ION' 'O4 S -2'
#
# COMPACT_ATOMS: atom_id res chain seq x y z
N GLY A 37 9.95 -15.42 -16.88
CA GLY A 37 8.84 -16.14 -16.29
C GLY A 37 7.57 -15.95 -17.11
N SER A 38 6.54 -16.74 -16.80
CA SER A 38 5.31 -16.66 -17.58
C SER A 38 4.58 -15.32 -17.42
N PHE A 39 4.75 -14.66 -16.27
CA PHE A 39 4.10 -13.35 -16.03
C PHE A 39 4.96 -12.16 -16.45
N VAL A 40 5.96 -12.41 -17.30
CA VAL A 40 6.93 -11.38 -17.68
C VAL A 40 6.35 -10.06 -18.21
N GLU A 41 5.23 -10.11 -18.93
CA GLU A 41 4.68 -8.87 -19.49
C GLU A 41 4.06 -7.96 -18.42
N MET A 42 3.88 -8.49 -17.22
CA MET A 42 3.32 -7.70 -16.11
C MET A 42 4.41 -7.07 -15.27
N VAL A 43 5.64 -7.51 -15.45
CA VAL A 43 6.75 -6.94 -14.67
C VAL A 43 6.98 -5.49 -15.09
N ASP A 44 7.25 -4.65 -14.11
CA ASP A 44 7.53 -3.23 -14.35
CA ASP A 44 7.53 -3.23 -14.35
C ASP A 44 6.31 -2.48 -14.87
N ASN A 45 5.12 -2.92 -14.47
CA ASN A 45 3.90 -2.25 -14.95
C ASN A 45 3.40 -1.13 -14.04
N LEU A 46 4.15 -0.84 -12.97
CA LEU A 46 3.80 0.26 -12.06
C LEU A 46 4.76 1.44 -12.20
N ARG A 47 4.21 2.63 -12.04
CA ARG A 47 5.02 3.84 -11.98
CA ARG A 47 5.01 3.86 -12.00
C ARG A 47 4.53 4.72 -10.85
N GLY A 48 5.26 5.79 -10.55
CA GLY A 48 4.86 6.69 -9.50
C GLY A 48 5.92 7.73 -9.20
N LYS A 49 5.55 8.68 -8.35
CA LYS A 49 6.51 9.59 -7.76
C LYS A 49 6.55 9.30 -6.26
N SER A 50 7.73 9.33 -5.67
CA SER A 50 7.87 9.04 -4.24
C SER A 50 6.83 9.79 -3.43
N GLY A 51 6.17 9.09 -2.50
CA GLY A 51 5.20 9.71 -1.62
C GLY A 51 3.88 10.05 -2.28
N GLN A 52 3.75 9.74 -3.58
CA GLN A 52 2.51 10.07 -4.27
C GLN A 52 1.75 8.85 -4.79
N GLY A 53 2.15 7.67 -4.33
CA GLY A 53 1.46 6.44 -4.67
C GLY A 53 2.02 5.79 -5.92
N TYR A 54 1.55 4.57 -6.19
CA TYR A 54 1.98 3.82 -7.37
C TYR A 54 0.76 3.60 -8.25
N TYR A 55 0.93 3.76 -9.56
CA TYR A 55 -0.21 3.62 -10.45
C TYR A 55 0.05 2.66 -11.60
N VAL A 56 -1.04 2.09 -12.12
CA VAL A 56 -1.01 1.16 -13.22
C VAL A 56 -1.92 1.69 -14.33
N GLU A 57 -1.60 1.40 -15.58
CA GLU A 57 -2.48 1.81 -16.67
C GLU A 57 -3.71 0.91 -16.74
N MET A 58 -4.87 1.52 -16.88
CA MET A 58 -6.10 0.77 -17.08
C MET A 58 -6.86 1.37 -18.23
N THR A 59 -7.39 0.51 -19.10
CA THR A 59 -8.07 0.98 -20.30
C THR A 59 -9.57 0.80 -20.08
N VAL A 60 -10.30 1.90 -20.16
CA VAL A 60 -11.72 1.86 -19.86
CA VAL A 60 -11.72 1.90 -19.84
C VAL A 60 -12.57 2.26 -21.07
N GLY A 61 -13.71 1.58 -21.23
CA GLY A 61 -14.69 1.97 -22.23
C GLY A 61 -14.35 1.58 -23.66
N SER A 62 -15.15 2.09 -24.59
CA SER A 62 -15.03 1.74 -26.01
C SER A 62 -15.52 2.91 -26.85
N PRO A 63 -14.67 3.41 -27.76
CA PRO A 63 -13.28 3.01 -27.97
C PRO A 63 -12.42 3.24 -26.73
N PRO A 64 -11.18 2.72 -26.72
CA PRO A 64 -10.39 2.73 -25.49
C PRO A 64 -9.99 4.10 -24.94
N GLN A 65 -10.11 4.23 -23.63
CA GLN A 65 -9.61 5.39 -22.89
C GLN A 65 -8.70 4.89 -21.78
N THR A 66 -7.40 5.11 -21.95
CA THR A 66 -6.42 4.63 -20.99
C THR A 66 -6.09 5.74 -20.00
N LEU A 67 -6.07 5.37 -18.72
CA LEU A 67 -5.83 6.29 -17.63
C LEU A 67 -4.84 5.66 -16.65
N ASN A 68 -4.16 6.50 -15.88
CA ASN A 68 -3.21 6.03 -14.87
C ASN A 68 -3.97 5.91 -13.55
N ILE A 69 -3.93 4.73 -12.94
CA ILE A 69 -4.76 4.44 -11.77
C ILE A 69 -3.95 4.04 -10.55
N LEU A 70 -4.09 4.80 -9.47
CA LEU A 70 -3.39 4.49 -8.24
C LEU A 70 -3.86 3.17 -7.64
N VAL A 71 -2.90 2.33 -7.25
CA VAL A 71 -3.20 1.02 -6.71
C VAL A 71 -3.33 1.12 -5.19
N ASP A 72 -4.52 0.80 -4.67
CA ASP A 72 -4.83 1.05 -3.27
C ASP A 72 -5.45 -0.16 -2.58
N THR A 73 -4.64 -0.90 -1.82
CA THR A 73 -5.18 -2.06 -1.12
C THR A 73 -5.93 -1.66 0.15
N GLY A 74 -6.01 -0.36 0.43
CA GLY A 74 -6.71 0.14 1.60
C GLY A 74 -8.14 0.63 1.38
N SER A 75 -8.64 0.48 0.16
CA SER A 75 -10.02 0.83 -0.15
C SER A 75 -10.57 -0.12 -1.21
N SER A 76 -11.85 0.01 -1.55
CA SER A 76 -12.48 -1.00 -2.39
C SER A 76 -13.29 -0.46 -3.56
N ASN A 77 -13.14 0.83 -3.84
CA ASN A 77 -13.80 1.46 -4.98
C ASN A 77 -12.86 1.75 -6.13
N PHE A 78 -13.28 1.40 -7.34
CA PHE A 78 -12.59 1.80 -8.56
C PHE A 78 -13.22 3.12 -9.01
N ALA A 79 -12.41 4.17 -9.09
CA ALA A 79 -12.96 5.48 -9.40
C ALA A 79 -11.99 6.24 -10.28
N VAL A 80 -12.49 7.03 -11.22
CA VAL A 80 -11.61 7.76 -12.13
C VAL A 80 -12.10 9.20 -12.32
N GLY A 81 -11.19 10.16 -12.38
CA GLY A 81 -11.59 11.51 -12.72
C GLY A 81 -12.37 11.48 -14.01
N ALA A 82 -13.48 12.21 -14.07
CA ALA A 82 -14.38 12.16 -15.22
C ALA A 82 -14.84 13.56 -15.63
N ALA A 83 -14.10 14.56 -15.18
CA ALA A 83 -14.38 15.96 -15.52
C ALA A 83 -13.06 16.70 -15.33
N PRO A 84 -12.89 17.83 -16.04
CA PRO A 84 -11.61 18.54 -15.92
C PRO A 84 -11.31 18.97 -14.49
N HIS A 85 -10.01 19.00 -14.16
CA HIS A 85 -9.52 19.39 -12.86
C HIS A 85 -8.12 19.94 -13.11
N PRO A 86 -7.73 21.00 -12.41
CA PRO A 86 -6.41 21.60 -12.64
C PRO A 86 -5.27 20.60 -12.57
N PHE A 87 -5.42 19.54 -11.77
CA PHE A 87 -4.34 18.57 -11.58
C PHE A 87 -4.45 17.35 -12.49
N LEU A 88 -5.48 17.28 -13.34
CA LEU A 88 -5.67 16.15 -14.25
C LEU A 88 -5.24 16.48 -15.69
N HIS A 89 -4.40 15.64 -16.28
CA HIS A 89 -4.02 15.79 -17.69
C HIS A 89 -5.11 15.20 -18.57
N ARG A 90 -5.71 14.11 -18.10
CA ARG A 90 -6.80 13.48 -18.84
C ARG A 90 -7.87 12.97 -17.89
N TYR A 91 -9.02 12.63 -18.44
CA TYR A 91 -10.11 12.11 -17.63
C TYR A 91 -11.05 11.27 -18.49
N TYR A 92 -11.87 10.48 -17.80
CA TYR A 92 -12.84 9.57 -18.38
C TYR A 92 -13.98 10.37 -18.98
N GLN A 93 -14.22 10.17 -20.27
CA GLN A 93 -15.31 10.85 -20.98
C GLN A 93 -16.39 9.84 -21.30
N ARG A 94 -17.38 9.76 -20.42
CA ARG A 94 -18.41 8.73 -20.55
C ARG A 94 -19.23 8.82 -21.83
N GLN A 95 -19.47 10.03 -22.32
CA GLN A 95 -20.28 10.20 -23.53
C GLN A 95 -19.59 9.58 -24.75
N LEU A 96 -18.27 9.49 -24.71
CA LEU A 96 -17.51 8.87 -25.80
C LEU A 96 -17.42 7.36 -25.72
N SER A 97 -17.88 6.77 -24.61
CA SER A 97 -17.84 5.30 -24.47
C SER A 97 -19.19 4.68 -24.79
N SER A 98 -19.22 3.88 -25.86
CA SER A 98 -20.46 3.29 -26.30
C SER A 98 -20.95 2.23 -25.34
N THR A 99 -20.04 1.69 -24.53
CA THR A 99 -20.35 0.57 -23.66
C THR A 99 -20.64 1.03 -22.23
N TYR A 100 -20.60 2.33 -22.00
CA TYR A 100 -20.89 2.85 -20.66
C TYR A 100 -22.34 2.65 -20.30
N ARG A 101 -22.60 2.16 -19.09
CA ARG A 101 -23.96 1.99 -18.60
C ARG A 101 -24.13 2.75 -17.29
N ASP A 102 -25.04 3.71 -17.28
CA ASP A 102 -25.27 4.56 -16.11
C ASP A 102 -26.01 3.77 -15.04
N LEU A 103 -25.55 3.83 -13.79
CA LEU A 103 -26.23 3.15 -12.70
C LEU A 103 -27.27 4.04 -11.98
N ARG A 104 -27.30 5.32 -12.35
CA ARG A 104 -28.23 6.28 -11.77
C ARG A 104 -28.13 6.32 -10.25
N LYS A 105 -26.89 6.40 -9.77
CA LYS A 105 -26.64 6.42 -8.34
C LYS A 105 -25.38 7.21 -8.05
N GLY A 106 -25.47 8.10 -7.07
CA GLY A 106 -24.31 8.88 -6.65
C GLY A 106 -23.45 8.07 -5.71
N VAL A 107 -22.19 8.47 -5.56
CA VAL A 107 -21.28 7.78 -4.67
C VAL A 107 -20.30 8.78 -4.12
N TYR A 108 -19.95 8.62 -2.84
CA TYR A 108 -19.05 9.51 -2.14
C TYR A 108 -18.07 8.67 -1.33
N VAL A 109 -16.78 8.96 -1.48
CA VAL A 109 -15.77 8.21 -0.72
C VAL A 109 -14.82 9.17 -0.03
N PRO A 110 -14.77 9.12 1.30
CA PRO A 110 -13.81 9.89 2.08
C PRO A 110 -12.62 9.01 2.44
N TYR A 111 -11.41 9.57 2.36
CA TYR A 111 -10.23 8.83 2.77
C TYR A 111 -9.67 9.49 4.02
N THR A 112 -8.63 8.88 4.59
CA THR A 112 -7.97 9.44 5.76
C THR A 112 -7.73 10.92 5.49
N GLN A 113 -7.23 11.17 4.29
CA GLN A 113 -7.03 12.52 3.81
C GLN A 113 -7.56 12.53 2.39
N GLY A 114 -8.48 13.45 2.10
CA GLY A 114 -9.06 13.58 0.77
C GLY A 114 -10.45 12.99 0.67
N ALA A 115 -11.22 13.44 -0.32
CA ALA A 115 -12.54 12.85 -0.57
C ALA A 115 -12.98 13.18 -1.99
N TRP A 116 -13.87 12.37 -2.55
CA TRP A 116 -14.45 12.70 -3.85
C TRP A 116 -15.90 12.29 -3.94
N ALA A 117 -16.64 12.96 -4.83
CA ALA A 117 -18.01 12.61 -5.10
C ALA A 117 -18.13 12.32 -6.59
N GLY A 118 -18.98 11.38 -6.95
CA GLY A 118 -19.13 11.05 -8.36
C GLY A 118 -20.40 10.28 -8.63
N GLU A 119 -20.42 9.61 -9.76
CA GLU A 119 -21.61 8.94 -10.27
C GLU A 119 -21.24 7.53 -10.68
N LEU A 120 -22.05 6.55 -10.30
CA LEU A 120 -21.75 5.16 -10.57
C LEU A 120 -22.24 4.73 -11.95
N GLY A 121 -21.51 3.79 -12.54
CA GLY A 121 -21.87 3.19 -13.81
C GLY A 121 -21.04 1.93 -14.00
N THR A 122 -21.24 1.22 -15.12
CA THR A 122 -20.35 0.10 -15.44
C THR A 122 -19.77 0.33 -16.81
N ASP A 123 -18.62 -0.25 -17.08
CA ASP A 123 -18.03 -0.17 -18.40
C ASP A 123 -16.99 -1.26 -18.53
N LEU A 124 -16.52 -1.47 -19.75
CA LEU A 124 -15.48 -2.45 -20.00
C LEU A 124 -14.15 -1.92 -19.48
N VAL A 125 -13.39 -2.80 -18.85
CA VAL A 125 -12.10 -2.43 -18.27
C VAL A 125 -11.08 -3.51 -18.57
N SER A 126 -9.92 -3.10 -19.08
CA SER A 126 -8.80 -4.00 -19.31
C SER A 126 -7.55 -3.40 -18.67
N ILE A 127 -6.60 -4.24 -18.33
CA ILE A 127 -5.31 -3.75 -17.86
C ILE A 127 -4.27 -4.19 -18.89
N PRO A 128 -3.80 -3.25 -19.73
CA PRO A 128 -2.98 -3.69 -20.86
C PRO A 128 -1.69 -4.40 -20.45
N HIS A 129 -1.13 -4.07 -19.30
CA HIS A 129 0.08 -4.74 -18.82
C HIS A 129 -0.29 -5.61 -17.62
N GLY A 130 -1.53 -6.08 -17.65
CA GLY A 130 -2.05 -6.99 -16.64
C GLY A 130 -2.55 -8.25 -17.33
N PRO A 131 -3.60 -8.87 -16.78
CA PRO A 131 -4.12 -10.13 -17.33
C PRO A 131 -4.74 -9.90 -18.70
N ASN A 132 -4.68 -10.93 -19.55
CA ASN A 132 -5.22 -10.82 -20.90
C ASN A 132 -6.71 -11.13 -20.92
N VAL A 133 -7.48 -10.23 -20.30
CA VAL A 133 -8.93 -10.36 -20.21
C VAL A 133 -9.55 -8.95 -20.23
N THR A 134 -10.86 -8.89 -20.41
CA THR A 134 -11.62 -7.65 -20.33
C THR A 134 -12.86 -7.93 -19.49
N VAL A 135 -13.11 -7.09 -18.50
CA VAL A 135 -14.27 -7.30 -17.64
C VAL A 135 -15.21 -6.10 -17.65
N ARG A 136 -16.47 -6.33 -17.28
CA ARG A 136 -17.39 -5.22 -17.10
C ARG A 136 -17.38 -4.96 -15.61
N ALA A 137 -16.90 -3.78 -15.23
CA ALA A 137 -16.74 -3.48 -13.81
C ALA A 137 -17.49 -2.24 -13.42
N ASN A 138 -17.78 -2.12 -12.13
CA ASN A 138 -18.31 -0.89 -11.62
C ASN A 138 -17.24 0.19 -11.72
N ILE A 139 -17.66 1.39 -12.08
CA ILE A 139 -16.74 2.53 -12.08
C ILE A 139 -17.42 3.76 -11.50
N ALA A 140 -16.74 4.42 -10.57
CA ALA A 140 -17.23 5.69 -10.06
C ALA A 140 -16.58 6.81 -10.88
N ALA A 141 -17.42 7.60 -11.53
CA ALA A 141 -16.92 8.72 -12.34
C ALA A 141 -16.84 9.91 -11.40
N ILE A 142 -15.60 10.33 -11.09
CA ILE A 142 -15.40 11.42 -10.13
C ILE A 142 -15.69 12.77 -10.78
N THR A 143 -16.65 13.49 -10.21
CA THR A 143 -17.06 14.75 -10.79
C THR A 143 -16.60 15.94 -9.96
N GLU A 144 -16.39 15.71 -8.66
CA GLU A 144 -15.92 16.74 -7.76
C GLU A 144 -15.02 16.09 -6.73
N SER A 145 -14.03 16.83 -6.25
CA SER A 145 -13.13 16.26 -5.25
C SER A 145 -12.46 17.30 -4.37
N ASP A 146 -11.97 16.85 -3.23
CA ASP A 146 -11.30 17.74 -2.29
C ASP A 146 -10.03 17.06 -1.75
N LYS A 147 -8.88 17.64 -2.08
CA LYS A 147 -7.59 17.15 -1.59
C LYS A 147 -7.36 15.70 -1.97
N PHE A 148 -7.82 15.32 -3.14
CA PHE A 148 -7.67 13.96 -3.59
C PHE A 148 -6.59 13.91 -4.66
N PHE A 149 -6.85 14.55 -5.80
CA PHE A 149 -5.85 14.58 -6.86
C PHE A 149 -4.64 15.42 -6.43
N ILE A 150 -3.47 15.07 -6.93
CA ILE A 150 -2.22 15.67 -6.51
C ILE A 150 -1.55 16.28 -7.71
N ASN A 151 -1.20 17.55 -7.60
CA ASN A 151 -0.50 18.25 -8.68
C ASN A 151 0.77 17.48 -9.05
N GLY A 152 0.80 16.96 -10.29
CA GLY A 152 1.99 16.33 -10.83
C GLY A 152 2.20 14.86 -10.55
N SER A 153 1.21 14.18 -9.97
CA SER A 153 1.35 12.78 -9.60
C SER A 153 1.28 11.85 -10.80
N ASN A 154 0.68 12.35 -11.88
CA ASN A 154 0.47 11.59 -13.11
C ASN A 154 -0.63 10.52 -13.06
N TRP A 155 -1.34 10.42 -11.94
CA TRP A 155 -2.49 9.51 -11.88
C TRP A 155 -3.85 10.24 -11.85
N GLU A 156 -4.87 9.55 -12.34
CA GLU A 156 -6.16 10.16 -12.62
C GLU A 156 -7.33 9.39 -12.00
N GLY A 157 -7.01 8.39 -11.20
CA GLY A 157 -8.04 7.56 -10.61
C GLY A 157 -7.44 6.62 -9.58
N ILE A 158 -8.26 5.78 -8.96
CA ILE A 158 -7.80 4.92 -7.89
C ILE A 158 -8.43 3.54 -8.06
N LEU A 159 -7.66 2.49 -7.79
CA LEU A 159 -8.17 1.12 -7.85
C LEU A 159 -8.18 0.51 -6.46
N GLY A 160 -9.36 0.44 -5.85
CA GLY A 160 -9.50 -0.11 -4.51
C GLY A 160 -9.52 -1.62 -4.59
N LEU A 161 -8.48 -2.25 -4.05
CA LEU A 161 -8.29 -3.69 -4.17
C LEU A 161 -8.76 -4.51 -2.97
N ALA A 162 -9.25 -3.83 -1.95
CA ALA A 162 -9.76 -4.51 -0.76
C ALA A 162 -11.17 -5.05 -1.01
N TYR A 163 -11.80 -5.57 0.04
CA TYR A 163 -13.00 -6.37 -0.11
C TYR A 163 -14.29 -5.56 -0.06
N ALA A 164 -15.39 -6.20 -0.45
CA ALA A 164 -16.67 -5.54 -0.62
C ALA A 164 -17.22 -4.94 0.67
N GLU A 165 -16.87 -5.53 1.81
CA GLU A 165 -17.36 -5.02 3.09
C GLU A 165 -17.14 -3.51 3.24
N ILE A 166 -16.03 -2.99 2.71
CA ILE A 166 -15.73 -1.58 2.87
C ILE A 166 -15.99 -0.72 1.61
N ALA A 167 -16.64 -1.30 0.61
CA ALA A 167 -17.04 -0.53 -0.59
C ALA A 167 -18.12 0.50 -0.27
N ARG A 168 -18.08 1.63 -0.98
CA ARG A 168 -19.16 2.61 -0.93
C ARG A 168 -19.94 2.54 -2.26
N PRO A 169 -21.26 2.79 -2.25
CA PRO A 169 -22.09 3.18 -1.10
C PRO A 169 -22.28 2.06 -0.07
N ASP A 170 -22.20 0.80 -0.50
CA ASP A 170 -22.30 -0.33 0.42
C ASP A 170 -21.68 -1.58 -0.19
N ASP A 171 -21.77 -2.69 0.53
CA ASP A 171 -21.10 -3.92 0.13
C ASP A 171 -21.72 -4.63 -1.07
N SER A 172 -22.79 -4.06 -1.64
CA SER A 172 -23.37 -4.62 -2.87
C SER A 172 -22.65 -4.11 -4.13
N LEU A 173 -21.81 -3.08 -3.99
CA LEU A 173 -21.06 -2.60 -5.15
C LEU A 173 -19.79 -3.43 -5.30
N GLU A 174 -19.85 -4.41 -6.19
CA GLU A 174 -18.77 -5.38 -6.37
C GLU A 174 -17.47 -4.66 -6.72
N PRO A 175 -16.40 -4.89 -5.93
CA PRO A 175 -15.13 -4.26 -6.29
C PRO A 175 -14.53 -4.86 -7.55
N PHE A 176 -13.61 -4.13 -8.16
CA PHE A 176 -13.00 -4.56 -9.41
C PHE A 176 -12.42 -5.99 -9.38
N PHE A 177 -11.62 -6.30 -8.36
CA PHE A 177 -10.95 -7.59 -8.35
C PHE A 177 -11.97 -8.73 -8.22
N ASP A 178 -13.05 -8.47 -7.49
CA ASP A 178 -14.13 -9.43 -7.38
C ASP A 178 -14.73 -9.70 -8.76
N SER A 179 -14.94 -8.64 -9.53
CA SER A 179 -15.49 -8.80 -10.89
C SER A 179 -14.53 -9.60 -11.75
N LEU A 180 -13.24 -9.26 -11.66
CA LEU A 180 -12.21 -9.95 -12.43
C LEU A 180 -12.25 -11.45 -12.18
N VAL A 181 -12.31 -11.83 -10.90
CA VAL A 181 -12.30 -13.23 -10.53
C VAL A 181 -13.60 -13.94 -10.92
N LYS A 182 -14.72 -13.26 -10.75
CA LYS A 182 -16.01 -13.88 -11.08
C LYS A 182 -16.18 -14.09 -12.58
N GLN A 183 -15.73 -13.11 -13.37
CA GLN A 183 -16.00 -13.13 -14.81
C GLN A 183 -14.96 -13.90 -15.65
N THR A 184 -13.81 -14.18 -15.07
CA THR A 184 -12.71 -14.77 -15.84
C THR A 184 -12.05 -15.92 -15.10
N HIS A 185 -11.06 -16.52 -15.75
CA HIS A 185 -10.28 -17.64 -15.21
C HIS A 185 -9.17 -17.17 -14.26
N VAL A 186 -8.96 -15.86 -14.17
CA VAL A 186 -7.80 -15.34 -13.44
C VAL A 186 -7.84 -15.76 -11.98
N PRO A 187 -6.76 -16.42 -11.49
CA PRO A 187 -6.72 -16.85 -10.09
C PRO A 187 -6.91 -15.68 -9.12
N ASN A 188 -7.53 -16.00 -7.99
CA ASN A 188 -7.86 -15.01 -6.99
C ASN A 188 -6.64 -14.64 -6.14
N LEU A 189 -5.69 -13.97 -6.77
CA LEU A 189 -4.43 -13.59 -6.15
C LEU A 189 -3.76 -12.49 -6.97
N PHE A 190 -3.20 -11.49 -6.28
CA PHE A 190 -2.32 -10.56 -6.96
C PHE A 190 -1.14 -10.30 -6.05
N SER A 191 -0.06 -9.75 -6.59
CA SER A 191 1.10 -9.47 -5.78
C SER A 191 1.71 -8.13 -6.19
N LEU A 192 2.34 -7.47 -5.23
CA LEU A 192 2.85 -6.13 -5.43
C LEU A 192 4.31 -6.04 -5.04
N GLN A 193 5.13 -5.57 -5.97
CA GLN A 193 6.51 -5.19 -5.71
C GLN A 193 6.59 -3.69 -5.92
N LEU A 194 6.66 -2.93 -4.82
CA LEU A 194 6.76 -1.48 -4.91
C LEU A 194 8.22 -1.11 -4.72
N CYS A 195 8.83 -0.50 -5.72
CA CYS A 195 10.25 -0.17 -5.66
C CYS A 195 10.43 1.32 -5.43
N GLY A 196 10.86 1.68 -4.23
CA GLY A 196 10.98 3.07 -3.86
C GLY A 196 12.20 3.76 -4.44
N ALA A 197 12.43 4.99 -4.02
CA ALA A 197 13.62 5.75 -4.42
C ALA A 197 14.67 5.66 -3.32
N VAL A 210 9.78 6.43 -9.55
CA VAL A 210 9.45 5.21 -8.83
C VAL A 210 8.79 4.18 -9.75
N GLY A 211 8.97 2.90 -9.45
CA GLY A 211 8.38 1.86 -10.27
C GLY A 211 8.07 0.61 -9.46
N GLY A 212 7.70 -0.46 -10.15
CA GLY A 212 7.37 -1.70 -9.48
C GLY A 212 6.51 -2.59 -10.36
N SER A 213 5.97 -3.65 -9.78
CA SER A 213 5.21 -4.64 -10.53
C SER A 213 3.94 -5.01 -9.79
N MET A 214 2.84 -5.10 -10.52
CA MET A 214 1.64 -5.71 -9.99
C MET A 214 1.38 -6.97 -10.80
N ILE A 215 1.67 -8.13 -10.21
CA ILE A 215 1.44 -9.39 -10.91
C ILE A 215 0.03 -9.87 -10.57
N ILE A 216 -0.77 -10.14 -11.59
CA ILE A 216 -2.18 -10.44 -11.39
C ILE A 216 -2.49 -11.85 -11.82
N GLY A 217 -2.95 -12.67 -10.87
CA GLY A 217 -3.23 -14.07 -11.12
C GLY A 217 -2.10 -15.01 -10.73
N GLY A 218 -1.05 -14.47 -10.13
CA GLY A 218 0.05 -15.31 -9.69
C GLY A 218 1.22 -14.53 -9.14
N ILE A 219 2.36 -15.20 -9.10
CA ILE A 219 3.57 -14.68 -8.49
C ILE A 219 4.70 -14.79 -9.50
N ASP A 220 5.59 -13.81 -9.52
CA ASP A 220 6.77 -13.87 -10.39
C ASP A 220 8.01 -13.98 -9.52
N HIS A 221 8.79 -15.04 -9.74
CA HIS A 221 9.88 -15.37 -8.83
C HIS A 221 11.12 -14.48 -9.00
N SER A 222 11.14 -13.68 -10.05
CA SER A 222 12.25 -12.75 -10.23
C SER A 222 12.12 -11.55 -9.30
N LEU A 223 10.97 -11.40 -8.66
CA LEU A 223 10.68 -10.17 -7.90
C LEU A 223 11.11 -10.24 -6.45
N TYR A 224 11.57 -11.41 -6.00
CA TYR A 224 12.02 -11.56 -4.62
C TYR A 224 13.21 -12.53 -4.51
N THR A 225 13.84 -12.50 -3.36
CA THR A 225 14.90 -13.46 -3.03
C THR A 225 14.47 -14.16 -1.74
N GLY A 226 15.02 -15.34 -1.50
CA GLY A 226 14.72 -16.05 -0.26
C GLY A 226 13.32 -16.63 -0.27
N SER A 227 12.76 -16.83 0.91
CA SER A 227 11.47 -17.51 1.00
C SER A 227 10.31 -16.56 1.23
N LEU A 228 9.13 -16.97 0.77
CA LEU A 228 7.89 -16.28 1.10
C LEU A 228 7.34 -16.79 2.41
N TRP A 229 7.00 -15.88 3.31
CA TRP A 229 6.38 -16.23 4.58
C TRP A 229 4.97 -15.64 4.61
N TYR A 230 3.99 -16.41 5.09
CA TYR A 230 2.61 -15.98 5.04
C TYR A 230 2.00 -15.70 6.41
N THR A 231 1.19 -14.63 6.45
CA THR A 231 0.42 -14.28 7.64
C THR A 231 -1.06 -14.34 7.25
N PRO A 232 -1.93 -14.79 8.16
CA PRO A 232 -3.34 -14.92 7.77
C PRO A 232 -4.01 -13.56 7.57
N ILE A 233 -4.91 -13.49 6.61
CA ILE A 233 -5.81 -12.34 6.54
C ILE A 233 -6.86 -12.62 7.60
N ARG A 234 -6.88 -11.77 8.63
CA ARG A 234 -7.72 -12.03 9.79
C ARG A 234 -9.19 -11.95 9.45
N ARG A 235 -9.54 -10.96 8.63
CA ARG A 235 -10.91 -10.75 8.22
C ARG A 235 -10.90 -10.05 6.87
N GLU A 236 -11.84 -10.40 6.00
CA GLU A 236 -11.87 -9.86 4.65
C GLU A 236 -12.65 -8.55 4.59
N TRP A 237 -11.98 -7.46 4.91
CA TRP A 237 -12.57 -6.15 4.72
C TRP A 237 -11.45 -5.26 4.20
N TYR A 238 -10.67 -4.67 5.10
CA TYR A 238 -9.31 -4.28 4.74
C TYR A 238 -8.51 -5.56 4.66
N TYR A 239 -7.26 -5.46 4.22
CA TYR A 239 -6.35 -6.59 4.33
C TYR A 239 -5.78 -6.56 5.73
N GLU A 240 -6.53 -7.13 6.66
CA GLU A 240 -6.20 -7.05 8.08
C GLU A 240 -5.30 -8.20 8.49
N VAL A 241 -4.25 -7.87 9.24
CA VAL A 241 -3.29 -8.84 9.74
C VAL A 241 -3.05 -8.60 11.23
N ILE A 242 -2.24 -9.47 11.83
CA ILE A 242 -1.94 -9.36 13.26
C ILE A 242 -0.45 -9.29 13.54
N ILE A 243 -0.04 -8.19 14.16
CA ILE A 243 1.34 -7.96 14.57
C ILE A 243 1.50 -8.43 16.00
N VAL A 244 2.49 -9.27 16.26
CA VAL A 244 2.60 -9.94 17.55
C VAL A 244 3.80 -9.49 18.37
N ARG A 245 4.69 -8.73 17.75
CA ARG A 245 5.90 -8.27 18.42
C ARG A 245 6.56 -7.22 17.56
N VAL A 246 7.19 -6.23 18.20
CA VAL A 246 7.92 -5.18 17.49
C VAL A 246 9.30 -5.01 18.11
N GLU A 247 10.34 -4.94 17.26
CA GLU A 247 11.70 -4.70 17.74
C GLU A 247 12.32 -3.51 17.01
N ILE A 248 13.17 -2.78 17.73
CA ILE A 248 13.99 -1.75 17.15
C ILE A 248 15.43 -2.19 17.39
N ASN A 249 16.19 -2.34 16.32
CA ASN A 249 17.55 -2.89 16.42
C ASN A 249 17.61 -4.12 17.30
N GLY A 250 16.68 -5.05 17.08
CA GLY A 250 16.68 -6.30 17.81
C GLY A 250 16.11 -6.18 19.21
N GLN A 251 15.82 -4.95 19.66
CA GLN A 251 15.31 -4.75 21.00
C GLN A 251 13.79 -4.68 21.05
N ASP A 252 13.20 -5.61 21.79
CA ASP A 252 11.76 -5.71 21.95
C ASP A 252 11.20 -4.42 22.52
N LEU A 253 10.20 -3.86 21.85
CA LEU A 253 9.55 -2.62 22.29
C LEU A 253 8.81 -2.89 23.60
N LYS A 254 8.51 -4.16 23.81
CA LYS A 254 7.91 -4.67 25.04
C LYS A 254 6.57 -4.04 25.40
N MET A 255 5.70 -3.86 24.41
CA MET A 255 4.33 -3.46 24.67
C MET A 255 3.42 -4.69 24.55
N ASP A 256 2.28 -4.65 25.23
CA ASP A 256 1.29 -5.69 25.07
C ASP A 256 0.88 -5.73 23.61
N CYS A 257 0.85 -6.92 23.00
CA CYS A 257 0.63 -7.02 21.55
C CYS A 257 -0.76 -6.49 21.13
N LYS A 258 -1.70 -6.46 22.07
CA LYS A 258 -3.00 -5.86 21.77
C LYS A 258 -2.87 -4.39 21.35
N GLU A 259 -1.85 -3.71 21.87
CA GLU A 259 -1.64 -2.30 21.53
C GLU A 259 -1.30 -2.14 20.05
N TYR A 260 -0.52 -3.09 19.51
CA TYR A 260 -0.07 -3.02 18.12
C TYR A 260 -1.21 -3.13 17.12
N ASN A 261 -2.30 -3.77 17.52
CA ASN A 261 -3.42 -4.00 16.62
C ASN A 261 -4.71 -3.32 17.05
N TYR A 262 -4.58 -2.26 17.85
CA TYR A 262 -5.75 -1.54 18.32
C TYR A 262 -5.95 -0.35 17.37
N ASP A 263 -7.05 -0.30 16.61
CA ASP A 263 -8.15 -1.27 16.64
C ASP A 263 -8.12 -2.21 15.44
N LYS A 264 -7.06 -2.10 14.63
CA LYS A 264 -6.78 -3.03 13.53
C LYS A 264 -5.36 -2.77 13.02
N SER A 265 -4.81 -3.74 12.27
CA SER A 265 -3.58 -3.52 11.53
C SER A 265 -3.86 -3.93 10.10
N ILE A 266 -3.51 -3.07 9.15
CA ILE A 266 -3.82 -3.36 7.75
C ILE A 266 -2.62 -3.12 6.85
N VAL A 267 -2.66 -3.76 5.68
CA VAL A 267 -1.65 -3.53 4.65
C VAL A 267 -2.29 -2.62 3.59
N ASP A 268 -1.68 -1.46 3.37
CA ASP A 268 -2.34 -0.41 2.60
C ASP A 268 -1.36 0.29 1.64
N SER A 269 -1.40 -0.12 0.37
CA SER A 269 -0.49 0.42 -0.63
C SER A 269 -0.81 1.87 -0.98
N GLY A 270 -1.97 2.35 -0.57
CA GLY A 270 -2.41 3.72 -0.84
C GLY A 270 -1.99 4.70 0.24
N THR A 271 -1.31 4.22 1.28
CA THR A 271 -0.78 5.07 2.34
C THR A 271 0.74 5.05 2.29
N THR A 272 1.35 6.22 2.38
CA THR A 272 2.80 6.31 2.26
C THR A 272 3.50 5.80 3.53
N ASN A 273 3.07 6.30 4.68
CA ASN A 273 3.78 6.03 5.93
C ASN A 273 3.51 4.67 6.54
N LEU A 274 4.37 4.29 7.49
CA LEU A 274 4.00 3.32 8.49
C LEU A 274 3.30 4.11 9.58
N ARG A 275 2.00 3.86 9.77
CA ARG A 275 1.25 4.58 10.79
C ARG A 275 1.02 3.66 11.97
N LEU A 276 1.20 4.20 13.18
CA LEU A 276 1.13 3.40 14.40
C LEU A 276 0.18 4.03 15.39
N PRO A 277 -0.55 3.21 16.16
CA PRO A 277 -1.41 3.76 17.20
C PRO A 277 -0.61 4.68 18.11
N LYS A 278 -1.25 5.72 18.62
CA LYS A 278 -0.58 6.71 19.46
C LYS A 278 0.40 6.15 20.50
N LYS A 279 -0.05 5.20 21.32
CA LYS A 279 0.83 4.69 22.38
C LYS A 279 2.04 3.97 21.78
N VAL A 280 1.83 3.29 20.66
CA VAL A 280 2.90 2.55 20.02
C VAL A 280 3.88 3.49 19.34
N PHE A 281 3.35 4.50 18.67
CA PHE A 281 4.16 5.51 18.02
C PHE A 281 5.14 6.15 19.04
N GLU A 282 4.58 6.58 20.16
CA GLU A 282 5.38 7.24 21.19
C GLU A 282 6.51 6.35 21.69
N ALA A 283 6.20 5.08 21.97
CA ALA A 283 7.22 4.13 22.40
C ALA A 283 8.26 3.88 21.30
N ALA A 284 7.80 3.73 20.07
CA ALA A 284 8.71 3.48 18.96
C ALA A 284 9.70 4.63 18.75
N VAL A 285 9.18 5.86 18.76
CA VAL A 285 10.04 7.03 18.56
C VAL A 285 11.09 7.13 19.67
N LYS A 286 10.68 6.89 20.91
CA LYS A 286 11.62 6.93 22.02
C LYS A 286 12.74 5.91 21.82
N SER A 287 12.38 4.71 21.37
CA SER A 287 13.39 3.67 21.13
C SER A 287 14.28 3.98 19.93
N ILE A 288 13.68 4.52 18.87
CA ILE A 288 14.44 4.89 17.67
C ILE A 288 15.40 6.03 17.98
N LYS A 289 14.93 7.00 18.76
CA LYS A 289 15.79 8.10 19.20
C LYS A 289 16.99 7.55 19.99
N ALA A 290 16.72 6.64 20.91
CA ALA A 290 17.78 6.06 21.73
C ALA A 290 18.80 5.30 20.88
N ALA A 291 18.32 4.60 19.86
CA ALA A 291 19.19 3.80 19.02
C ALA A 291 20.05 4.66 18.08
N SER A 292 19.57 5.87 17.77
CA SER A 292 20.28 6.74 16.83
C SER A 292 20.96 7.91 17.55
N SER A 293 21.26 7.71 18.82
CA SER A 293 21.71 8.81 19.69
C SER A 293 23.07 9.40 19.34
N THR A 294 23.78 8.80 18.39
CA THR A 294 25.06 9.38 17.96
C THR A 294 24.84 10.71 17.24
N GLU A 295 23.61 10.94 16.80
CA GLU A 295 23.22 12.24 16.28
C GLU A 295 21.91 12.68 16.92
N LYS A 296 21.73 13.98 17.07
CA LYS A 296 20.49 14.51 17.61
C LYS A 296 19.69 15.19 16.51
N PHE A 297 18.37 15.07 16.59
CA PHE A 297 17.49 15.73 15.65
C PHE A 297 16.39 16.45 16.42
N PRO A 298 15.84 17.52 15.83
CA PRO A 298 14.80 18.26 16.54
C PRO A 298 13.54 17.41 16.74
N ASP A 299 12.77 17.70 17.77
CA ASP A 299 11.53 16.97 18.05
C ASP A 299 10.60 16.90 16.85
N GLY A 300 10.53 17.98 16.08
CA GLY A 300 9.64 18.06 14.93
C GLY A 300 10.02 17.12 13.80
N PHE A 301 11.27 16.68 13.79
CA PHE A 301 11.69 15.70 12.78
C PHE A 301 10.96 14.39 13.00
N TRP A 302 10.94 13.95 14.26
CA TRP A 302 10.29 12.70 14.60
C TRP A 302 8.77 12.79 14.43
N LEU A 303 8.25 14.03 14.40
CA LEU A 303 6.82 14.26 14.17
C LEU A 303 6.46 14.52 12.71
N GLY A 304 7.45 14.43 11.82
CA GLY A 304 7.22 14.61 10.40
C GLY A 304 6.96 16.06 10.04
N GLU A 305 7.28 16.96 10.95
CA GLU A 305 7.04 18.38 10.75
C GLU A 305 8.30 19.07 10.21
N GLN A 306 9.46 18.49 10.49
CA GLN A 306 10.71 19.03 10.00
C GLN A 306 11.49 18.02 9.17
N LEU A 307 12.12 18.50 8.10
CA LEU A 307 12.98 17.68 7.27
C LEU A 307 14.42 17.90 7.66
N VAL A 308 15.25 16.88 7.46
CA VAL A 308 16.69 17.02 7.64
C VAL A 308 17.35 16.67 6.30
N CYS A 309 18.35 17.44 5.90
CA CYS A 309 18.99 17.21 4.60
C CYS A 309 20.48 16.93 4.78
N TRP A 310 21.02 16.10 3.90
CA TRP A 310 22.44 15.77 3.90
C TRP A 310 23.04 16.13 2.55
N GLN A 311 24.34 16.38 2.49
CA GLN A 311 25.00 16.55 1.20
C GLN A 311 24.75 15.28 0.40
N ALA A 312 24.43 15.45 -0.88
CA ALA A 312 24.12 14.32 -1.76
C ALA A 312 25.03 13.11 -1.54
N GLY A 313 24.41 11.98 -1.21
CA GLY A 313 25.13 10.70 -1.10
C GLY A 313 25.87 10.47 0.20
N THR A 314 25.64 11.31 1.20
CA THR A 314 26.35 11.17 2.47
C THR A 314 25.46 10.75 3.63
N THR A 315 24.20 10.44 3.33
CA THR A 315 23.25 10.10 4.40
C THR A 315 23.80 8.96 5.25
N PRO A 316 23.95 9.21 6.57
CA PRO A 316 24.52 8.21 7.47
C PRO A 316 23.50 7.14 7.85
N TRP A 317 23.09 6.33 6.88
CA TRP A 317 22.10 5.29 7.13
C TRP A 317 22.43 4.49 8.37
N ASN A 318 23.73 4.29 8.60
CA ASN A 318 24.21 3.37 9.63
C ASN A 318 23.84 3.78 11.06
N ILE A 319 23.60 5.06 11.28
CA ILE A 319 23.27 5.54 12.63
C ILE A 319 21.81 5.26 13.01
N PHE A 320 20.97 4.97 12.01
CA PHE A 320 19.56 4.67 12.27
C PHE A 320 19.32 3.16 12.41
N PRO A 321 18.39 2.78 13.29
CA PRO A 321 18.15 1.35 13.54
C PRO A 321 17.27 0.68 12.50
N VAL A 322 17.31 -0.64 12.46
CA VAL A 322 16.33 -1.38 11.68
C VAL A 322 15.11 -1.60 12.55
N ILE A 323 13.97 -1.84 11.90
CA ILE A 323 12.73 -2.04 12.61
C ILE A 323 12.10 -3.36 12.14
N SER A 324 11.70 -4.19 13.10
CA SER A 324 11.08 -5.48 12.78
C SER A 324 9.67 -5.57 13.30
N LEU A 325 8.77 -6.05 12.45
CA LEU A 325 7.43 -6.40 12.88
C LEU A 325 7.33 -7.91 12.79
N TYR A 326 6.93 -8.56 13.88
CA TYR A 326 6.60 -9.98 13.81
C TYR A 326 5.12 -10.14 13.51
N LEU A 327 4.81 -11.03 12.58
CA LEU A 327 3.45 -11.28 12.12
C LEU A 327 3.05 -12.70 12.47
N MET A 328 1.77 -12.89 12.77
CA MET A 328 1.26 -14.23 13.04
C MET A 328 1.50 -15.12 11.84
N GLY A 329 1.93 -16.36 12.07
CA GLY A 329 2.22 -17.27 10.97
C GLY A 329 1.05 -18.16 10.65
N GLU A 330 1.27 -19.17 9.81
CA GLU A 330 0.19 -20.08 9.45
C GLU A 330 0.06 -21.31 10.34
N VAL A 331 1.03 -21.52 11.23
CA VAL A 331 0.95 -22.64 12.17
C VAL A 331 0.81 -22.13 13.59
N THR A 332 0.09 -22.87 14.43
CA THR A 332 -0.09 -22.48 15.84
C THR A 332 1.24 -22.10 16.51
N ASN A 333 1.23 -20.98 17.22
CA ASN A 333 2.38 -20.51 18.01
C ASN A 333 3.62 -20.19 17.18
N GLN A 334 3.46 -20.07 15.88
CA GLN A 334 4.58 -19.78 15.00
C GLN A 334 4.41 -18.39 14.37
N SER A 335 5.48 -17.60 14.37
CA SER A 335 5.44 -16.28 13.75
C SER A 335 6.64 -16.15 12.83
N PHE A 336 6.72 -15.02 12.14
CA PHE A 336 7.91 -14.67 11.38
C PHE A 336 8.08 -13.18 11.51
N ARG A 337 9.21 -12.64 11.06
CA ARG A 337 9.40 -11.21 11.17
C ARG A 337 9.84 -10.61 9.87
N ILE A 338 9.40 -9.37 9.65
CA ILE A 338 9.87 -8.59 8.51
C ILE A 338 10.65 -7.41 9.08
N THR A 339 11.74 -7.07 8.43
CA THR A 339 12.66 -6.07 8.95
C THR A 339 12.96 -5.05 7.89
N ILE A 340 12.70 -3.78 8.20
CA ILE A 340 12.97 -2.71 7.26
C ILE A 340 14.12 -1.83 7.73
N LEU A 341 14.70 -1.10 6.77
CA LEU A 341 15.87 -0.27 7.00
C LEU A 341 15.44 1.18 7.05
N PRO A 342 16.33 2.07 7.51
CA PRO A 342 16.04 3.51 7.39
C PRO A 342 15.79 3.94 5.94
N GLN A 343 16.39 3.24 4.98
CA GLN A 343 16.08 3.54 3.57
C GLN A 343 14.59 3.45 3.28
N GLN A 344 13.88 2.63 4.05
CA GLN A 344 12.42 2.52 3.92
C GLN A 344 11.65 3.58 4.70
N TYR A 345 12.04 3.84 5.94
CA TYR A 345 11.25 4.74 6.79
C TYR A 345 11.70 6.21 6.79
N LEU A 346 12.83 6.49 6.15
CA LEU A 346 13.22 7.88 5.88
C LEU A 346 12.98 8.11 4.40
N ARG A 347 12.05 9.01 4.08
CA ARG A 347 11.64 9.19 2.70
C ARG A 347 12.20 10.46 2.07
N PRO A 348 12.84 10.30 0.90
CA PRO A 348 13.38 11.45 0.16
C PRO A 348 12.24 12.37 -0.24
N VAL A 349 12.43 13.67 -0.03
CA VAL A 349 11.41 14.64 -0.37
C VAL A 349 11.77 15.38 -1.66
N GLU A 350 10.79 15.52 -2.54
CA GLU A 350 11.00 16.05 -3.88
C GLU A 350 11.22 17.57 -3.91
N ASP A 351 12.45 18.02 -4.20
CA ASP A 351 13.63 17.16 -4.35
C ASP A 351 14.84 18.01 -4.73
N SER A 355 19.08 19.82 -6.60
CA SER A 355 20.25 20.38 -5.96
C SER A 355 21.22 19.30 -5.51
N GLN A 356 22.17 19.66 -4.66
CA GLN A 356 23.13 18.71 -4.14
C GLN A 356 22.79 18.31 -2.72
N ASP A 357 21.50 18.40 -2.38
CA ASP A 357 21.04 18.08 -1.02
C ASP A 357 19.94 17.01 -1.03
N ASP A 358 20.14 15.95 -0.25
CA ASP A 358 19.13 14.91 -0.08
C ASP A 358 18.35 15.16 1.21
N CYS A 359 17.11 15.62 1.06
CA CYS A 359 16.27 15.91 2.21
C CYS A 359 15.35 14.74 2.52
N TYR A 360 15.18 14.45 3.80
CA TYR A 360 14.36 13.32 4.22
C TYR A 360 13.28 13.69 5.22
N LYS A 361 12.14 13.01 5.11
CA LYS A 361 11.08 13.08 6.10
C LYS A 361 11.01 11.73 6.81
N PHE A 362 10.87 11.77 8.13
CA PHE A 362 10.63 10.57 8.92
C PHE A 362 9.20 10.15 8.65
N ALA A 363 9.04 8.95 8.10
CA ALA A 363 7.76 8.49 7.56
C ALA A 363 7.07 7.42 8.43
N ILE A 364 7.35 7.47 9.73
CA ILE A 364 6.55 6.72 10.70
C ILE A 364 5.74 7.75 11.44
N SER A 365 4.43 7.57 11.47
CA SER A 365 3.55 8.61 12.00
C SER A 365 2.44 8.01 12.86
N GLN A 366 1.70 8.90 13.52
CA GLN A 366 0.69 8.48 14.48
C GLN A 366 -0.67 8.23 13.81
N SER A 367 -1.41 7.27 14.35
CA SER A 367 -2.74 6.93 13.84
C SER A 367 -3.75 6.81 14.97
N SER A 368 -5.02 7.11 14.71
CA SER A 368 -6.06 6.81 15.68
C SER A 368 -6.99 5.73 15.17
N THR A 369 -6.60 5.10 14.06
CA THR A 369 -7.40 4.04 13.47
C THR A 369 -6.61 2.76 13.26
N GLY A 370 -5.63 2.52 14.12
CA GLY A 370 -4.84 1.30 14.08
C GLY A 370 -3.56 1.42 13.26
N THR A 371 -2.86 0.30 13.11
CA THR A 371 -1.60 0.26 12.40
C THR A 371 -1.86 0.21 10.89
N VAL A 372 -1.15 1.04 10.14
CA VAL A 372 -1.24 0.98 8.68
C VAL A 372 0.14 0.69 8.13
N MET A 373 0.30 -0.47 7.52
CA MET A 373 1.55 -0.81 6.89
C MET A 373 1.52 -0.31 5.45
N GLY A 374 2.00 0.91 5.28
CA GLY A 374 1.97 1.55 3.98
C GLY A 374 3.21 1.29 3.18
N ALA A 375 3.52 2.20 2.24
CA ALA A 375 4.67 2.02 1.36
C ALA A 375 5.98 1.83 2.12
N VAL A 376 6.09 2.49 3.27
CA VAL A 376 7.27 2.33 4.14
C VAL A 376 7.56 0.85 4.42
N ILE A 377 6.51 0.07 4.65
CA ILE A 377 6.71 -1.35 4.86
C ILE A 377 6.84 -2.06 3.53
N MET A 378 5.92 -1.76 2.62
CA MET A 378 5.80 -2.53 1.39
C MET A 378 7.03 -2.41 0.48
N GLU A 379 7.71 -1.26 0.50
CA GLU A 379 8.87 -1.05 -0.37
C GLU A 379 10.05 -1.95 -0.01
N GLY A 380 9.96 -2.64 1.13
CA GLY A 380 11.01 -3.58 1.50
C GLY A 380 10.81 -4.95 0.88
N PHE A 381 9.59 -5.21 0.41
CA PHE A 381 9.17 -6.59 0.19
C PHE A 381 8.36 -6.81 -1.07
N TYR A 382 8.33 -8.06 -1.49
CA TYR A 382 7.37 -8.51 -2.49
C TYR A 382 6.22 -9.01 -1.65
N VAL A 383 5.02 -8.47 -1.88
CA VAL A 383 3.90 -8.76 -1.01
C VAL A 383 2.80 -9.48 -1.80
N VAL A 384 2.51 -10.71 -1.40
CA VAL A 384 1.55 -11.52 -2.13
C VAL A 384 0.18 -11.47 -1.45
N PHE A 385 -0.82 -10.94 -2.16
CA PHE A 385 -2.18 -10.86 -1.62
C PHE A 385 -2.94 -12.11 -2.07
N ASP A 386 -2.73 -13.21 -1.34
CA ASP A 386 -3.25 -14.52 -1.70
C ASP A 386 -4.68 -14.63 -1.19
N ARG A 387 -5.61 -13.98 -1.89
CA ARG A 387 -7.00 -13.95 -1.47
C ARG A 387 -7.60 -15.36 -1.42
N ALA A 388 -7.19 -16.19 -2.36
CA ALA A 388 -7.74 -17.55 -2.48
C ALA A 388 -7.48 -18.35 -1.21
N ARG A 389 -6.33 -18.13 -0.58
CA ARG A 389 -5.96 -18.86 0.64
C ARG A 389 -6.01 -17.99 1.89
N LYS A 390 -6.60 -16.81 1.74
CA LYS A 390 -6.82 -15.89 2.86
C LYS A 390 -5.52 -15.65 3.63
N ARG A 391 -4.47 -15.27 2.91
CA ARG A 391 -3.19 -15.04 3.53
C ARG A 391 -2.41 -14.00 2.76
N ILE A 392 -1.46 -13.37 3.43
CA ILE A 392 -0.57 -12.42 2.79
C ILE A 392 0.88 -12.87 2.94
N GLY A 393 1.59 -12.94 1.82
CA GLY A 393 2.97 -13.39 1.84
C GLY A 393 3.95 -12.25 1.75
N PHE A 394 5.06 -12.40 2.46
CA PHE A 394 6.15 -11.44 2.40
C PHE A 394 7.45 -12.14 2.04
N ALA A 395 8.21 -11.53 1.12
CA ALA A 395 9.57 -11.96 0.86
C ALA A 395 10.40 -10.72 0.59
N VAL A 396 11.71 -10.83 0.81
CA VAL A 396 12.60 -9.72 0.53
C VAL A 396 12.50 -9.31 -0.94
N SER A 397 12.30 -8.02 -1.17
CA SER A 397 12.15 -7.54 -2.54
C SER A 397 13.47 -7.48 -3.31
N ALA A 398 13.45 -7.94 -4.56
CA ALA A 398 14.63 -7.85 -5.39
C ALA A 398 14.99 -6.42 -5.76
N CYS A 399 14.05 -5.49 -5.57
CA CYS A 399 14.31 -4.09 -5.91
C CYS A 399 14.47 -3.16 -4.70
N HIS A 400 14.34 -3.69 -3.48
CA HIS A 400 14.34 -2.80 -2.32
C HIS A 400 15.65 -2.03 -2.15
N VAL A 401 15.54 -0.80 -1.66
CA VAL A 401 16.69 0.06 -1.47
C VAL A 401 17.45 -0.33 -0.20
N HIS A 402 18.75 -0.59 -0.35
CA HIS A 402 19.58 -0.95 0.80
C HIS A 402 21.03 -0.52 0.57
N ASP A 403 21.92 -0.93 1.45
CA ASP A 403 23.34 -0.60 1.28
C ASP A 403 24.22 -1.84 1.37
N GLU A 404 25.53 -1.63 1.42
CA GLU A 404 26.47 -2.74 1.45
C GLU A 404 26.55 -3.39 2.82
N PHE A 405 25.86 -2.83 3.80
CA PHE A 405 25.95 -3.32 5.17
C PHE A 405 24.71 -4.04 5.67
N ARG A 406 23.54 -3.55 5.25
CA ARG A 406 22.28 -4.13 5.71
C ARG A 406 21.30 -4.29 4.55
N THR A 407 20.41 -5.27 4.70
CA THR A 407 19.35 -5.52 3.74
C THR A 407 18.05 -5.70 4.52
N ALA A 408 16.92 -5.43 3.88
CA ALA A 408 15.64 -5.81 4.46
C ALA A 408 15.64 -7.32 4.61
N ALA A 409 14.78 -7.83 5.48
CA ALA A 409 14.77 -9.27 5.73
C ALA A 409 13.37 -9.79 6.04
N VAL A 410 13.16 -11.06 5.74
CA VAL A 410 11.98 -11.77 6.17
C VAL A 410 12.51 -13.09 6.71
N GLU A 411 12.32 -13.31 8.01
CA GLU A 411 12.94 -14.45 8.68
C GLU A 411 11.97 -15.21 9.58
N GLY A 412 12.19 -16.50 9.73
CA GLY A 412 11.38 -17.30 10.63
C GLY A 412 11.88 -18.73 10.62
N PRO A 413 11.18 -19.61 11.34
CA PRO A 413 10.04 -19.27 12.18
C PRO A 413 10.50 -18.87 13.57
N PHE A 414 9.64 -18.16 14.29
CA PHE A 414 9.86 -17.91 15.71
C PHE A 414 8.71 -18.49 16.51
N VAL A 415 8.91 -18.59 17.82
CA VAL A 415 7.86 -19.09 18.69
C VAL A 415 7.23 -17.93 19.44
N THR A 416 5.93 -17.75 19.24
CA THR A 416 5.18 -16.69 19.92
C THR A 416 3.88 -17.30 20.41
N LEU A 417 3.62 -17.23 21.72
CA LEU A 417 2.41 -17.82 22.27
C LEU A 417 1.27 -16.81 22.38
N ASP A 418 0.04 -17.32 22.41
CA ASP A 418 -1.16 -16.50 22.62
C ASP A 418 -1.35 -15.41 21.58
N MET A 419 -0.93 -15.68 20.35
CA MET A 419 -1.06 -14.68 19.29
C MET A 419 -2.51 -14.35 19.00
N GLU A 420 -3.41 -15.28 19.30
CA GLU A 420 -4.82 -15.07 19.04
C GLU A 420 -5.37 -13.90 19.86
N ASP A 421 -4.77 -13.67 21.01
CA ASP A 421 -5.25 -12.62 21.91
C ASP A 421 -4.86 -11.20 21.47
N CYS A 422 -3.93 -11.11 20.51
CA CYS A 422 -3.38 -9.82 20.08
C CYS A 422 -4.41 -9.00 19.30
N GLY A 423 -5.40 -9.68 18.74
CA GLY A 423 -6.36 -9.04 17.87
C GLY A 423 -7.45 -8.28 18.61
N TYR A 424 -7.92 -7.19 18.02
CA TYR A 424 -8.97 -6.39 18.61
C TYR A 424 -10.33 -6.99 18.28
N ASN A 425 -11.25 -6.98 19.24
CA ASN A 425 -12.59 -7.52 19.04
C ASN A 425 -13.67 -6.45 18.99
O1 BOC B 1 2.48 11.54 0.98
C BOC B 1 1.37 11.07 1.22
O2 BOC B 1 0.85 11.23 2.51
CT BOC B 1 1.69 11.60 3.61
C1 BOC B 1 2.16 13.03 3.43
C2 BOC B 1 0.97 11.49 4.91
C3 BOC B 1 2.88 10.67 3.67
N VAL B 2 0.90 9.98 0.34
CA VAL B 2 -0.54 9.88 0.18
C VAL B 2 -1.18 9.17 1.39
C1 GNC B 3 -3.46 10.22 0.91
NE2 GNC B 3 -2.19 12.01 5.61
OE1 GNC B 3 -2.37 10.15 6.91
O GNC B 3 -5.66 8.64 2.87
CG GNC B 3 -1.98 9.69 4.67
CB GNC B 3 -3.32 9.60 4.02
CD GNC B 3 -2.18 10.60 5.81
C GNC B 3 -4.62 8.15 2.44
CA GNC B 3 -3.23 8.66 2.83
N GNC B 3 -2.61 9.35 1.69
N PSA B 4 -4.65 7.02 1.48
CA PSA B 4 -5.93 6.41 1.04
CB PSA B 4 -5.96 6.26 -0.49
CG PSA B 4 -5.67 7.64 -1.14
CD1 PSA B 4 -6.41 8.87 -0.70
CD2 PSA B 4 -4.64 7.75 -2.24
CE1 PSA B 4 -6.13 10.21 -1.34
CE2 PSA B 4 -4.38 9.09 -2.89
CZ PSA B 4 -5.10 10.31 -2.44
CH PSA B 4 -6.05 5.06 1.75
OH PSA B 4 -5.30 4.00 1.25
CM PSA B 4 -6.41 5.05 3.26
C PSA B 4 -7.91 5.37 3.38
O PSA B 4 -8.31 6.51 3.54
N LEU B 5 -8.87 4.27 3.27
CA LEU B 5 -10.32 4.52 3.37
C LEU B 5 -10.70 5.03 4.77
N ALA B 6 -11.39 6.30 4.94
CA ALA B 6 -11.78 6.77 6.28
C ALA B 6 -13.19 6.24 6.46
N ZAE B 7 -13.66 5.57 7.70
CA ZAE B 7 -15.06 5.09 7.71
C ZAE B 7 -15.13 3.53 7.74
O ZAE B 7 -14.92 2.89 8.77
CB ZAE B 7 -15.88 5.86 8.73
CG ZAE B 7 -16.21 7.22 8.09
CD1 ZAE B 7 -17.61 7.52 7.58
CD2 ZAE B 7 -15.16 8.27 7.92
CE1 ZAE B 7 -17.95 8.85 6.95
CE2 ZAE B 7 -15.48 9.61 7.28
CZ ZAE B 7 -16.88 9.88 6.80
C10 ZAE B 7 -12.78 5.40 8.84
CM PDW B 8 -16.45 -1.71 7.78
O PDW B 8 -17.52 0.26 6.36
CG PDW B 8 -16.38 2.67 4.29
CB PDW B 8 -15.98 1.30 4.72
CD PDW B 8 -15.62 3.58 5.22
OXT PDW B 8 -15.90 -0.41 7.76
C PDW B 8 -16.46 0.55 6.92
CA PDW B 8 -15.50 1.41 6.13
N PDW B 8 -15.41 2.84 6.45
S SO4 C . -20.57 -6.29 -12.76
O1 SO4 C . -21.03 -5.72 -14.02
O2 SO4 C . -20.44 -5.24 -11.75
O3 SO4 C . -21.52 -7.30 -12.31
O4 SO4 C . -19.26 -6.90 -12.95
S SO4 D . -17.52 1.09 -30.56
O1 SO4 D . -17.65 2.17 -31.54
O2 SO4 D . -17.30 1.68 -29.26
O3 SO4 D . -18.77 0.34 -30.53
O4 SO4 D . -16.41 0.18 -30.91
#